data_3C03
#
_entry.id   3C03
#
_cell.length_a   36.111
_cell.length_b   55.478
_cell.length_c   50.448
_cell.angle_alpha   90.000
_cell.angle_beta   108.690
_cell.angle_gamma   90.000
#
_symmetry.space_group_name_H-M   'P 1 21 1'
#
loop_
_entity.id
_entity.type
_entity.pdbx_description
1 polymer EscU
2 polymer EscU
3 polymer EscU
4 non-polymer PROLINE
5 water water
#
loop_
_entity_poly.entity_id
_entity_poly.type
_entity_poly.pdbx_seq_one_letter_code
_entity_poly.pdbx_strand_id
1 'polypeptide(L)'
;GSHMASMSKDEVKREAKDTDGNPEIKGERRRLHSEIQSGSLANNIKKSTVIVKNATHIAICLYYKLGETPLPLVIETGKD
AKALQIIKLAELYDIPVIEDIPLARSLYKNIHKGQYITEDFFEPVAQLIRIAIDLDY
;
A
2 'polypeptide(L)' GSHMASMSKDEVKREAKDTDGNPEIKGERRRLHSEIQSGSLANNIKKSTVIVK(SNN) B
3 'polypeptide(L)'
;ATHIAICLYYKLGETPLPLVIETGKDAKALQIIKLAELYDIPVIEDIPLARSLYKNIHKGQYITEDFFEPVAQLIRIAID
LDY
;
C
#
# COMPACT_ATOMS: atom_id res chain seq x y z
N GLY A 39 -0.48 -8.70 10.72
CA GLY A 39 -0.42 -7.22 10.51
C GLY A 39 -1.80 -6.63 10.27
N SER A 40 -2.76 -6.99 11.14
CA SER A 40 -4.14 -6.53 11.03
C SER A 40 -4.20 -5.04 11.31
N LEU A 41 -5.22 -4.41 10.75
CA LEU A 41 -5.40 -2.94 10.87
C LEU A 41 -5.46 -2.50 12.34
N ALA A 42 -6.35 -3.10 13.12
CA ALA A 42 -6.45 -2.74 14.54
C ALA A 42 -5.14 -2.91 15.32
N ASN A 43 -4.42 -3.97 15.08
CA ASN A 43 -3.21 -4.25 15.85
C ASN A 43 -2.09 -3.26 15.48
N ASN A 44 -2.03 -2.90 14.20
CA ASN A 44 -1.08 -1.91 13.71
C ASN A 44 -1.30 -0.55 14.35
N ILE A 45 -2.56 -0.09 14.34
CA ILE A 45 -2.91 1.19 14.95
C ILE A 45 -2.61 1.12 16.45
N LYS A 46 -3.02 0.04 17.11
CA LYS A 46 -2.84 -0.06 18.52
C LYS A 46 -1.39 0.16 18.99
N LYS A 47 -0.43 -0.34 18.23
CA LYS A 47 0.97 -0.18 18.60
C LYS A 47 1.67 1.03 17.97
N SER A 48 0.95 1.79 17.16
N SER A 48 0.96 1.79 17.15
CA SER A 48 1.52 2.95 16.47
CA SER A 48 1.59 2.92 16.50
C SER A 48 1.93 4.05 17.46
C SER A 48 2.06 3.95 17.53
N THR A 49 2.95 4.82 17.08
CA THR A 49 3.47 5.92 17.88
C THR A 49 2.69 7.23 17.70
N VAL A 50 2.36 7.51 16.45
CA VAL A 50 1.74 8.77 16.07
C VAL A 50 1.12 8.60 14.72
N ILE A 51 0.02 9.28 14.52
CA ILE A 51 -0.64 9.38 13.21
C ILE A 51 -0.58 10.82 12.71
N VAL A 52 -0.26 10.95 11.43
CA VAL A 52 -0.33 12.24 10.78
C VAL A 52 -1.35 12.17 9.68
N LYS A 53 -2.11 13.25 9.58
CA LYS A 53 -3.33 13.24 8.75
C LYS A 53 -3.49 14.50 7.97
N ASN A 54 -4.25 14.38 6.88
CA ASN A 54 -4.82 15.52 6.17
C ASN A 54 -6.31 15.32 6.19
N ALA A 55 -6.96 15.90 7.21
CA ALA A 55 -8.41 15.83 7.38
C ALA A 55 -8.88 14.38 7.36
N THR A 56 -9.88 14.09 6.51
CA THR A 56 -10.39 12.72 6.32
C THR A 56 -9.83 12.05 5.08
N HIS A 57 -8.87 12.68 4.42
CA HIS A 57 -8.49 12.20 3.11
C HIS A 57 -7.35 11.22 3.20
N ILE A 58 -6.38 11.49 4.08
CA ILE A 58 -5.16 10.70 4.25
C ILE A 58 -4.83 10.53 5.74
N ALA A 59 -4.38 9.34 6.09
CA ALA A 59 -3.87 9.08 7.42
C ALA A 59 -2.69 8.17 7.29
N ILE A 60 -1.62 8.54 8.02
CA ILE A 60 -0.36 7.80 8.00
C ILE A 60 0.00 7.40 9.42
N CYS A 61 0.20 6.10 9.64
N CYS A 61 0.20 6.10 9.64
CA CYS A 61 0.51 5.56 10.94
CA CYS A 61 0.49 5.55 10.94
C CYS A 61 1.99 5.28 11.00
C CYS A 61 1.97 5.26 11.02
N LEU A 62 2.64 5.97 11.89
CA LEU A 62 4.08 5.81 12.11
C LEU A 62 4.40 5.09 13.42
N TYR A 63 5.45 4.26 13.36
CA TYR A 63 5.90 3.40 14.44
C TYR A 63 7.41 3.55 14.62
N TYR A 64 7.82 3.89 15.83
CA TYR A 64 9.23 3.99 16.15
C TYR A 64 9.41 3.44 17.58
N LYS A 65 10.30 2.47 17.72
CA LYS A 65 10.68 1.97 19.04
C LYS A 65 12.15 1.71 19.06
N LEU A 66 12.84 2.41 19.94
CA LEU A 66 14.28 2.23 20.11
C LEU A 66 14.58 0.77 20.45
N GLY A 67 15.47 0.17 19.71
CA GLY A 67 15.82 -1.22 19.93
C GLY A 67 15.05 -2.14 19.01
N GLU A 68 13.96 -1.66 18.39
CA GLU A 68 13.22 -2.46 17.40
C GLU A 68 13.29 -1.95 15.95
N THR A 69 13.13 -0.64 15.77
CA THR A 69 13.11 -0.02 14.50
C THR A 69 14.33 0.91 14.42
N PRO A 70 15.20 0.72 13.44
CA PRO A 70 16.34 1.59 13.18
C PRO A 70 15.91 3.01 12.72
N LEU A 71 14.77 3.07 12.03
CA LEU A 71 14.17 4.32 11.61
C LEU A 71 12.64 4.21 11.79
N PRO A 72 11.92 5.37 11.87
CA PRO A 72 10.44 5.30 11.89
C PRO A 72 9.91 4.55 10.67
N LEU A 73 8.93 3.70 10.94
CA LEU A 73 8.31 2.82 9.94
C LEU A 73 6.88 3.32 9.67
N VAL A 74 6.51 3.44 8.38
CA VAL A 74 5.13 3.60 7.98
C VAL A 74 4.43 2.24 8.10
N ILE A 75 3.65 2.04 9.16
CA ILE A 75 3.06 0.73 9.36
C ILE A 75 1.67 0.55 8.77
N GLU A 76 0.99 1.65 8.52
CA GLU A 76 -0.36 1.64 7.97
C GLU A 76 -0.60 2.98 7.28
N THR A 77 -1.35 2.97 6.19
CA THR A 77 -1.71 4.16 5.45
C THR A 77 -3.13 3.95 4.95
N GLY A 78 -3.79 5.06 4.68
CA GLY A 78 -5.14 4.95 4.13
C GLY A 78 -5.54 6.26 3.52
N LYS A 79 -6.35 6.17 2.48
CA LYS A 79 -7.02 7.34 1.95
C LYS A 79 -8.54 7.15 2.08
N ASP A 80 -9.26 8.25 2.17
CA ASP A 80 -10.73 8.23 2.20
C ASP A 80 -11.30 7.34 3.34
N ALA A 81 -12.21 6.42 2.98
CA ALA A 81 -12.83 5.55 3.95
C ALA A 81 -11.78 4.93 4.86
N LYS A 82 -10.64 4.52 4.29
CA LYS A 82 -9.61 3.86 5.09
C LYS A 82 -8.93 4.85 6.02
N ALA A 83 -8.69 6.08 5.55
CA ALA A 83 -8.14 7.11 6.46
C ALA A 83 -9.13 7.33 7.63
N LEU A 84 -10.43 7.32 7.33
CA LEU A 84 -11.43 7.49 8.40
C LEU A 84 -11.36 6.35 9.40
N GLN A 85 -11.24 5.12 8.90
CA GLN A 85 -11.12 3.96 9.77
C GLN A 85 -9.92 4.12 10.70
N ILE A 86 -8.79 4.53 10.14
CA ILE A 86 -7.53 4.69 10.89
C ILE A 86 -7.68 5.69 12.02
N ILE A 87 -8.32 6.82 11.69
CA ILE A 87 -8.47 7.91 12.65
C ILE A 87 -9.45 7.53 13.80
N LYS A 88 -10.53 6.84 13.50
CA LYS A 88 -11.45 6.34 14.56
C LYS A 88 -10.75 5.32 15.47
N LEU A 89 -10.02 4.39 14.88
CA LEU A 89 -9.22 3.44 15.69
C LEU A 89 -8.11 4.14 16.52
N ALA A 90 -7.52 5.18 15.95
CA ALA A 90 -6.55 5.96 16.67
C ALA A 90 -7.10 6.55 17.90
N GLU A 91 -8.28 7.15 17.75
CA GLU A 91 -8.99 7.70 18.89
C GLU A 91 -9.34 6.66 19.94
N LEU A 92 -9.78 5.49 19.52
CA LEU A 92 -10.20 4.45 20.43
C LEU A 92 -8.97 3.97 21.25
N TYR A 93 -7.85 3.81 20.58
CA TYR A 93 -6.62 3.38 21.21
C TYR A 93 -5.75 4.49 21.77
N ASP A 94 -6.25 5.73 21.79
CA ASP A 94 -5.49 6.89 22.31
C ASP A 94 -4.09 7.11 21.71
N ILE A 95 -4.01 7.02 20.39
CA ILE A 95 -2.83 7.33 19.63
C ILE A 95 -2.91 8.80 19.21
N PRO A 96 -1.88 9.59 19.49
CA PRO A 96 -1.97 11.03 19.13
C PRO A 96 -2.11 11.18 17.63
N VAL A 97 -3.05 12.04 17.21
CA VAL A 97 -3.29 12.31 15.82
C VAL A 97 -3.00 13.79 15.57
N ILE A 98 -2.06 14.10 14.70
CA ILE A 98 -1.60 15.45 14.42
C ILE A 98 -1.97 15.74 12.99
N GLU A 99 -2.66 16.84 12.74
CA GLU A 99 -2.92 17.21 11.35
C GLU A 99 -1.71 17.98 10.79
N ASP A 100 -1.15 17.47 9.70
CA ASP A 100 -0.17 18.22 8.94
C ASP A 100 -0.32 17.87 7.48
N ILE A 101 -0.98 18.74 6.73
CA ILE A 101 -1.47 18.41 5.38
C ILE A 101 -0.31 18.10 4.39
N PRO A 102 0.70 19.00 4.28
CA PRO A 102 1.86 18.73 3.39
C PRO A 102 2.66 17.47 3.76
N LEU A 103 2.88 17.26 5.05
CA LEU A 103 3.64 16.07 5.49
C LEU A 103 2.82 14.80 5.28
N ALA A 104 1.56 14.76 5.68
CA ALA A 104 0.69 13.62 5.35
C ALA A 104 0.67 13.39 3.81
N ARG A 105 0.55 14.44 3.01
CA ARG A 105 0.54 14.27 1.55
C ARG A 105 1.85 13.69 1.01
N SER A 106 2.95 14.21 1.51
CA SER A 106 4.24 13.82 1.00
C SER A 106 4.57 12.41 1.47
N LEU A 107 4.25 12.04 2.72
CA LEU A 107 4.48 10.67 3.17
C LEU A 107 3.68 9.67 2.35
N TYR A 108 2.44 9.99 2.08
CA TYR A 108 1.54 9.08 1.33
C TYR A 108 2.05 8.80 -0.08
N LYS A 109 2.50 9.86 -0.75
CA LYS A 109 3.06 9.78 -2.09
C LYS A 109 4.34 8.95 -2.16
N ASN A 110 5.20 9.08 -1.17
CA ASN A 110 6.59 8.63 -1.23
C ASN A 110 6.92 7.37 -0.44
N ILE A 111 6.26 7.17 0.70
CA ILE A 111 6.61 6.05 1.58
C ILE A 111 5.46 5.07 1.69
N HIS A 112 5.64 3.91 1.11
CA HIS A 112 4.57 2.91 1.10
C HIS A 112 4.48 2.23 2.44
N LYS A 113 3.31 1.68 2.72
CA LYS A 113 3.12 0.91 3.96
C LYS A 113 4.19 -0.17 4.03
N GLY A 114 4.80 -0.30 5.19
CA GLY A 114 5.81 -1.28 5.42
C GLY A 114 7.25 -0.82 5.15
N GLN A 115 7.41 0.41 4.69
CA GLN A 115 8.71 0.97 4.42
C GLN A 115 9.14 1.95 5.50
N TYR A 116 10.45 2.05 5.70
CA TYR A 116 10.94 3.07 6.60
C TYR A 116 10.87 4.41 5.87
N ILE A 117 10.84 5.48 6.66
CA ILE A 117 10.92 6.80 6.09
C ILE A 117 12.33 7.03 5.52
N THR A 118 12.40 7.97 4.59
CA THR A 118 13.63 8.40 3.95
C THR A 118 14.12 9.73 4.54
N GLU A 119 15.34 10.07 4.20
CA GLU A 119 16.11 11.05 4.95
C GLU A 119 15.48 12.44 4.95
N ASP A 120 14.74 12.69 3.89
CA ASP A 120 13.85 13.83 3.68
CA ASP A 120 14.02 13.97 3.81
C ASP A 120 12.86 14.11 4.81
N PHE A 121 12.42 12.99 5.41
CA PHE A 121 11.41 12.98 6.43
C PHE A 121 11.97 12.89 7.82
N PHE A 122 13.29 12.76 7.99
CA PHE A 122 13.84 12.40 9.31
C PHE A 122 13.50 13.47 10.32
N GLU A 123 13.76 14.72 10.01
CA GLU A 123 13.55 15.84 10.95
CA GLU A 123 13.54 15.69 11.07
C GLU A 123 12.06 16.03 11.29
N PRO A 124 11.22 16.18 10.24
CA PRO A 124 9.77 16.36 10.44
C PRO A 124 9.13 15.26 11.26
N VAL A 125 9.52 14.02 10.97
CA VAL A 125 8.93 12.86 11.69
C VAL A 125 9.48 12.76 13.07
N ALA A 126 10.77 13.09 13.24
CA ALA A 126 11.36 13.17 14.57
C ALA A 126 10.61 14.19 15.45
N GLN A 127 10.23 15.34 14.89
CA GLN A 127 9.40 16.33 15.59
C GLN A 127 8.03 15.75 16.03
N LEU A 128 7.40 14.95 15.16
CA LEU A 128 6.08 14.36 15.46
C LEU A 128 6.22 13.30 16.56
N ILE A 129 7.30 12.55 16.50
CA ILE A 129 7.54 11.58 17.58
C ILE A 129 7.75 12.25 18.93
N ARG A 130 8.53 13.32 18.96
CA ARG A 130 8.74 14.03 20.24
C ARG A 130 7.42 14.59 20.83
N ILE A 131 6.52 15.09 20.01
CA ILE A 131 5.20 15.50 20.47
C ILE A 131 4.41 14.35 21.09
N ALA A 132 4.36 13.22 20.40
CA ALA A 132 3.67 12.03 20.89
C ALA A 132 4.23 11.59 22.24
N ILE A 133 5.55 11.58 22.36
CA ILE A 133 6.18 11.35 23.67
C ILE A 133 5.77 12.41 24.69
N ASP A 134 5.82 13.70 24.32
CA ASP A 134 5.24 14.78 25.15
C ASP A 134 3.86 14.42 25.73
N LEU A 135 3.01 13.82 24.89
CA LEU A 135 1.68 13.42 25.31
C LEU A 135 1.74 12.03 25.96
N GLN B 37 16.65 -3.11 -13.52
CA GLN B 37 15.96 -3.49 -14.78
C GLN B 37 14.52 -2.98 -14.76
N SER B 38 14.29 -1.83 -14.14
CA SER B 38 12.93 -1.30 -14.02
C SER B 38 12.33 -0.94 -15.39
N GLY B 39 13.15 -0.49 -16.33
CA GLY B 39 12.69 -0.23 -17.68
C GLY B 39 12.03 -1.44 -18.35
N SER B 40 12.68 -2.60 -18.25
CA SER B 40 12.18 -3.82 -18.94
C SER B 40 10.85 -4.28 -18.34
N LEU B 41 10.79 -4.27 -17.01
CA LEU B 41 9.56 -4.56 -16.25
C LEU B 41 8.36 -3.75 -16.81
N ALA B 42 8.63 -2.50 -17.22
CA ALA B 42 7.61 -1.57 -17.74
C ALA B 42 6.60 -2.02 -18.82
N ASN B 43 6.93 -2.89 -19.78
CA ASN B 43 5.92 -3.26 -20.83
C ASN B 43 4.75 -4.14 -20.42
N ASN B 44 5.02 -5.07 -19.51
CA ASN B 44 3.96 -5.90 -19.00
C ASN B 44 3.12 -4.99 -18.19
N ILE B 45 3.81 -4.33 -17.29
CA ILE B 45 3.12 -3.59 -16.30
C ILE B 45 2.24 -2.68 -17.07
N LYS B 46 2.78 -2.07 -18.12
CA LYS B 46 2.07 -0.96 -18.70
C LYS B 46 0.76 -1.37 -19.33
N LYS B 47 0.63 -2.61 -19.78
CA LYS B 47 -0.64 -3.07 -20.37
C LYS B 47 -1.55 -3.72 -19.31
N SER B 48 -1.08 -3.82 -18.08
CA SER B 48 -1.87 -4.45 -17.02
C SER B 48 -3.26 -3.79 -16.87
N THR B 49 -4.26 -4.62 -16.59
CA THR B 49 -5.61 -4.12 -16.33
C THR B 49 -5.74 -3.64 -14.87
N VAL B 50 -5.15 -4.41 -13.97
CA VAL B 50 -5.15 -4.07 -12.56
C VAL B 50 -3.98 -4.79 -11.89
N ILE B 51 -3.50 -4.16 -10.83
CA ILE B 51 -2.53 -4.69 -9.87
C ILE B 51 -3.14 -4.91 -8.51
N VAL B 52 -3.04 -6.13 -8.01
CA VAL B 52 -3.45 -6.46 -6.67
C VAL B 52 -2.21 -6.58 -5.80
N LYS B 53 -2.39 -5.80 -4.59
CA LYS B 53 -1.29 -5.83 -3.67
C LYS B 53 -1.74 -6.01 -2.24
N1 SNN B 54 1.51 -7.06 0.55
C SNN B 54 0.75 -6.03 0.30
CA SNN B 54 -0.64 -6.52 -0.01
N SNN B 54 -0.72 -6.37 -1.46
C4 SNN B 54 -0.60 -7.95 0.53
C5 SNN B 54 0.84 -8.02 1.03
O SNN B 54 1.12 -4.87 0.33
O5 SNN B 54 1.31 -8.87 1.83
N THR C 2 6.15 -9.74 3.40
CA THR C 2 5.35 -9.47 2.22
C THR C 2 5.12 -7.97 1.92
N HIS C 3 5.69 -7.55 0.80
CA HIS C 3 5.06 -6.65 -0.14
C HIS C 3 4.79 -7.79 -1.10
N ILE C 4 3.58 -7.82 -1.67
CA ILE C 4 3.27 -8.66 -2.81
C ILE C 4 2.58 -7.72 -3.79
N ALA C 5 2.80 -7.97 -5.07
CA ALA C 5 2.10 -7.29 -6.18
C ALA C 5 1.83 -8.34 -7.26
N ILE C 6 0.59 -8.41 -7.76
CA ILE C 6 0.24 -9.32 -8.86
C ILE C 6 -0.33 -8.48 -10.00
N CYS C 7 0.23 -8.63 -11.19
CA CYS C 7 -0.25 -7.89 -12.37
C CYS C 7 -1.18 -8.72 -13.19
N LEU C 8 -2.43 -8.28 -13.31
CA LEU C 8 -3.42 -9.01 -14.08
C LEU C 8 -3.85 -8.30 -15.38
N TYR C 9 -4.12 -9.10 -16.38
CA TYR C 9 -4.42 -8.60 -17.72
C TYR C 9 -5.62 -9.38 -18.24
N TYR C 10 -6.60 -8.65 -18.65
CA TYR C 10 -7.76 -9.22 -19.32
C TYR C 10 -8.13 -8.35 -20.51
N LYS C 11 -8.29 -8.96 -21.67
CA LYS C 11 -8.77 -8.27 -22.84
C LYS C 11 -9.51 -9.26 -23.71
N LEU C 12 -10.77 -8.94 -23.96
CA LEU C 12 -11.62 -9.70 -24.82
C LEU C 12 -10.97 -9.93 -26.18
N GLY C 13 -10.91 -11.19 -26.60
CA GLY C 13 -10.35 -11.48 -27.91
C GLY C 13 -8.90 -11.86 -27.85
N GLU C 14 -8.21 -11.42 -26.80
CA GLU C 14 -6.84 -11.80 -26.58
C GLU C 14 -6.62 -12.81 -25.43
N THR C 15 -7.23 -12.55 -24.28
CA THR C 15 -7.15 -13.43 -23.11
C THR C 15 -8.52 -14.13 -22.84
N PRO C 16 -8.58 -15.48 -22.92
CA PRO C 16 -9.86 -16.20 -22.67
C PRO C 16 -10.30 -16.17 -21.20
N LEU C 17 -9.32 -15.97 -20.33
CA LEU C 17 -9.47 -15.72 -18.91
C LEU C 17 -8.43 -14.67 -18.47
N PRO C 18 -8.63 -14.05 -17.29
CA PRO C 18 -7.60 -13.14 -16.79
C PRO C 18 -6.25 -13.85 -16.61
N LEU C 19 -5.19 -13.16 -17.02
CA LEU C 19 -3.84 -13.68 -17.13
C LEU C 19 -2.96 -12.95 -16.10
N VAL C 20 -2.20 -13.70 -15.33
CA VAL C 20 -1.10 -13.12 -14.52
C VAL C 20 0.10 -12.90 -15.42
N ILE C 21 0.39 -11.63 -15.66
CA ILE C 21 1.47 -11.28 -16.56
C ILE C 21 2.75 -10.97 -15.80
N GLU C 22 2.69 -10.72 -14.50
CA GLU C 22 3.90 -10.44 -13.75
C GLU C 22 3.61 -10.55 -12.25
N THR C 23 4.62 -10.92 -11.46
CA THR C 23 4.48 -11.00 -10.00
C THR C 23 5.73 -10.50 -9.35
N GLY C 24 5.61 -10.16 -8.06
CA GLY C 24 6.72 -9.67 -7.30
C GLY C 24 6.48 -9.75 -5.81
N LYS C 25 7.57 -10.02 -5.07
CA LYS C 25 7.57 -10.03 -3.62
C LYS C 25 8.58 -9.00 -3.20
N ASP C 26 8.30 -8.31 -2.08
CA ASP C 26 9.17 -7.34 -1.45
C ASP C 26 9.78 -6.27 -2.36
N ALA C 27 11.10 -6.32 -2.61
CA ALA C 27 11.71 -5.32 -3.50
C ALA C 27 11.02 -5.29 -4.88
N LYS C 28 10.72 -6.46 -5.46
CA LYS C 28 10.12 -6.48 -6.81
C LYS C 28 8.67 -6.00 -6.75
N ALA C 29 7.97 -6.32 -5.66
CA ALA C 29 6.62 -5.82 -5.44
C ALA C 29 6.59 -4.29 -5.43
N LEU C 30 7.45 -3.64 -4.65
CA LEU C 30 7.46 -2.20 -4.59
C LEU C 30 7.81 -1.62 -5.96
N GLN C 31 8.72 -2.26 -6.66
CA GLN C 31 9.12 -1.76 -7.97
C GLN C 31 7.94 -1.81 -8.98
N ILE C 32 7.17 -2.91 -8.97
CA ILE C 32 5.96 -2.98 -9.79
C ILE C 32 4.96 -1.87 -9.45
N ILE C 33 4.75 -1.65 -8.14
CA ILE C 33 3.75 -0.71 -7.65
C ILE C 33 4.10 0.71 -8.02
N LYS C 34 5.37 1.03 -7.86
CA LYS C 34 5.91 2.31 -8.28
C LYS C 34 5.75 2.56 -9.78
N LEU C 35 6.05 1.58 -10.61
CA LEU C 35 5.89 1.73 -12.04
C LEU C 35 4.42 1.79 -12.43
N ALA C 36 3.59 0.94 -11.82
CA ALA C 36 2.14 1.07 -11.97
C ALA C 36 1.65 2.48 -11.72
N GLU C 37 2.15 3.14 -10.67
CA GLU C 37 1.74 4.48 -10.37
CA GLU C 37 1.77 4.51 -10.36
C GLU C 37 2.16 5.43 -11.51
N LEU C 38 3.34 5.20 -12.08
CA LEU C 38 3.79 6.02 -13.22
C LEU C 38 2.79 6.00 -14.38
N TYR C 39 2.29 4.82 -14.67
CA TYR C 39 1.43 4.58 -15.81
C TYR C 39 -0.05 4.70 -15.44
N ASP C 40 -0.33 5.04 -14.19
CA ASP C 40 -1.69 5.12 -13.68
C ASP C 40 -2.53 3.87 -13.80
N ILE C 41 -1.93 2.73 -13.56
CA ILE C 41 -2.63 1.47 -13.59
C ILE C 41 -3.31 1.34 -12.23
N PRO C 42 -4.60 0.96 -12.22
CA PRO C 42 -5.26 0.78 -10.94
C PRO C 42 -4.54 -0.21 -10.06
N VAL C 43 -4.20 0.21 -8.85
CA VAL C 43 -3.60 -0.67 -7.86
C VAL C 43 -4.54 -0.81 -6.65
N ILE C 44 -5.02 -2.04 -6.41
CA ILE C 44 -6.00 -2.33 -5.35
C ILE C 44 -5.36 -3.12 -4.21
N GLU C 45 -5.48 -2.63 -2.99
CA GLU C 45 -5.07 -3.36 -1.81
C GLU C 45 -6.10 -4.44 -1.48
N ASP C 46 -5.69 -5.70 -1.57
CA ASP C 46 -6.55 -6.81 -1.18
C ASP C 46 -5.68 -7.95 -0.66
N ILE C 47 -5.45 -7.96 0.65
CA ILE C 47 -4.43 -8.84 1.21
C ILE C 47 -4.76 -10.32 1.03
N PRO C 48 -5.99 -10.75 1.37
CA PRO C 48 -6.37 -12.14 1.13
C PRO C 48 -6.10 -12.58 -0.31
N LEU C 49 -6.63 -11.82 -1.28
CA LEU C 49 -6.46 -12.16 -2.69
C LEU C 49 -5.00 -12.14 -3.20
N ALA C 50 -4.23 -11.10 -2.90
CA ALA C 50 -2.84 -11.02 -3.32
C ALA C 50 -2.03 -12.22 -2.83
N ARG C 51 -2.21 -12.58 -1.55
CA ARG C 51 -1.55 -13.75 -0.93
C ARG C 51 -1.85 -15.04 -1.69
N SER C 52 -3.13 -15.28 -1.93
CA SER C 52 -3.59 -16.51 -2.61
C SER C 52 -3.18 -16.62 -4.06
N LEU C 53 -3.24 -15.51 -4.80
CA LEU C 53 -2.74 -15.44 -6.16
C LEU C 53 -1.24 -15.69 -6.23
N TYR C 54 -0.46 -15.09 -5.33
CA TYR C 54 1.00 -15.25 -5.39
C TYR C 54 1.42 -16.70 -5.16
N LYS C 55 0.76 -17.36 -4.20
CA LYS C 55 1.01 -18.76 -3.95
C LYS C 55 0.64 -19.68 -5.13
N ASN C 56 -0.42 -19.32 -5.84
CA ASN C 56 -1.08 -20.25 -6.78
C ASN C 56 -0.97 -20.00 -8.28
N ILE C 57 -0.86 -18.76 -8.71
CA ILE C 57 -0.90 -18.45 -10.15
C ILE C 57 0.38 -17.73 -10.47
N HIS C 58 1.23 -18.37 -11.27
CA HIS C 58 2.53 -17.82 -11.57
C HIS C 58 2.49 -16.99 -12.84
N LYS C 59 3.52 -16.16 -13.00
CA LYS C 59 3.67 -15.36 -14.21
C LYS C 59 3.43 -16.21 -15.48
N GLY C 60 2.57 -15.72 -16.36
CA GLY C 60 2.26 -16.38 -17.61
C GLY C 60 1.11 -17.36 -17.55
N GLN C 61 0.50 -17.50 -16.38
CA GLN C 61 -0.60 -18.46 -16.21
C GLN C 61 -1.95 -17.76 -16.08
N TYR C 62 -2.98 -18.36 -16.69
CA TYR C 62 -4.33 -17.90 -16.52
C TYR C 62 -4.82 -18.27 -15.12
N ILE C 63 -5.63 -17.42 -14.50
CA ILE C 63 -6.25 -17.75 -13.19
C ILE C 63 -7.15 -18.96 -13.29
N THR C 64 -7.36 -19.61 -12.15
CA THR C 64 -8.21 -20.81 -12.04
C THR C 64 -9.57 -20.44 -11.42
N GLU C 65 -10.54 -21.36 -11.43
CA GLU C 65 -11.96 -21.11 -11.04
C GLU C 65 -12.19 -20.40 -9.69
N ASP C 66 -11.36 -20.75 -8.69
CA ASP C 66 -11.41 -20.16 -7.36
C ASP C 66 -11.31 -18.66 -7.39
N PHE C 67 -10.64 -18.15 -8.41
CA PHE C 67 -10.31 -16.73 -8.54
C PHE C 67 -11.26 -15.99 -9.47
N PHE C 68 -12.17 -16.70 -10.12
CA PHE C 68 -12.99 -16.03 -11.15
C PHE C 68 -13.75 -14.82 -10.58
N GLU C 69 -14.47 -14.98 -9.49
CA GLU C 69 -15.33 -13.89 -9.01
C GLU C 69 -14.52 -12.77 -8.37
N PRO C 70 -13.61 -13.13 -7.45
CA PRO C 70 -12.80 -12.09 -6.83
C PRO C 70 -12.11 -11.21 -7.88
N VAL C 71 -11.51 -11.86 -8.88
CA VAL C 71 -10.76 -11.18 -9.95
C VAL C 71 -11.68 -10.43 -10.90
N ALA C 72 -12.79 -11.04 -11.31
CA ALA C 72 -13.79 -10.33 -12.16
C ALA C 72 -14.23 -9.03 -11.47
N GLN C 73 -14.50 -9.09 -10.18
CA GLN C 73 -14.93 -7.87 -9.48
C GLN C 73 -13.85 -6.80 -9.35
N LEU C 74 -12.60 -7.22 -9.23
CA LEU C 74 -11.46 -6.30 -9.31
C LEU C 74 -11.35 -5.66 -10.66
N ILE C 75 -11.53 -6.45 -11.71
CA ILE C 75 -11.44 -5.90 -13.05
C ILE C 75 -12.55 -4.86 -13.20
N ARG C 76 -13.74 -5.21 -12.73
CA ARG C 76 -14.88 -4.31 -12.80
C ARG C 76 -14.63 -2.98 -12.10
N ILE C 77 -14.07 -2.99 -10.90
CA ILE C 77 -13.78 -1.71 -10.24
C ILE C 77 -12.59 -0.99 -10.87
N ALA C 78 -11.69 -1.74 -11.51
CA ALA C 78 -10.59 -1.13 -12.26
C ALA C 78 -11.13 -0.38 -13.47
N ILE C 79 -11.95 -1.06 -14.29
CA ILE C 79 -12.57 -0.46 -15.47
C ILE C 79 -13.40 0.77 -15.14
N ASP C 80 -14.08 0.73 -14.01
CA ASP C 80 -14.75 1.91 -13.48
C ASP C 80 -13.72 2.76 -12.73
N LEU C 81 -12.77 3.31 -13.45
CA LEU C 81 -11.70 4.13 -12.88
C LEU C 81 -10.88 4.80 -13.98
N PRO D . -0.28 5.27 -2.73
CA PRO D . 0.41 6.52 -2.92
C PRO D . -0.24 7.44 -3.94
O PRO D . 0.10 8.62 -4.03
CB PRO D . 1.79 6.07 -3.39
CG PRO D . 2.03 4.81 -2.60
CD PRO D . 0.65 4.22 -2.28
OXT PRO D . -1.11 7.03 -4.71
#